data_4TLN
#
_entry.id   4TLN
#
_cell.length_a   94.200
_cell.length_b   94.200
_cell.length_c   131.400
_cell.angle_alpha   90.00
_cell.angle_beta   90.00
_cell.angle_gamma   120.00
#
_symmetry.space_group_name_H-M   'P 61 2 2'
#
loop_
_entity.id
_entity.type
_entity.pdbx_description
1 polymer THERMOLYSIN
2 non-polymer 'CALCIUM ION'
3 non-polymer 'ZINC ION'
4 non-polymer L-LEUCYL-HYDROXYLAMINE
5 water water
#
_entity_poly.entity_id   1
_entity_poly.type   'polypeptide(L)'
_entity_poly.pdbx_seq_one_letter_code
;ITGTSTVGVGRGVLGDQKNINTTYSTYYYLQDNTRGDGIFTYDAKYRTTLPGSLWADADNQFFASYDAPAVDAHYYAGVT
YDYYKNVHNRLSYDGNNAAIRSSVHYSQGYNNAFWNGSEMVYGDGDGQTFIPLSGGIDVVAHELTHAVTDYTAGLIYQNE
SGAINEAISDIFGTLVEFYANKNPDWEIGEDVYTPGISGDSLRSMSDPAKYGDPDHYSKRYTGTQDNGGVHINSGIINKA
AYLISQGGTHYGVSVVGIGRDKLGKIFYRALTQYLTPTSNFSQLRAAAVQSATDLYGSTSQEVASVKQAFDAVGVK
;
_entity_poly.pdbx_strand_id   A
#
loop_
_chem_comp.id
_chem_comp.type
_chem_comp.name
_chem_comp.formula
CA non-polymer 'CALCIUM ION' 'Ca 2'
LNO non-polymer L-LEUCYL-HYDROXYLAMINE 'C6 H14 N2 O2'
ZN non-polymer 'ZINC ION' 'Zn 2'
#
# COMPACT_ATOMS: atom_id res chain seq x y z
N ILE A 1 21.43 15.07 3.09
CA ILE A 1 22.74 15.60 2.60
C ILE A 1 22.80 16.69 1.60
N THR A 2 23.81 17.56 1.67
CA THR A 2 23.84 18.66 0.61
C THR A 2 24.65 18.17 -0.59
N GLY A 3 24.24 18.08 -1.81
CA GLY A 3 25.12 17.60 -2.92
C GLY A 3 24.54 17.77 -4.31
N THR A 4 25.15 17.18 -5.28
CA THR A 4 24.55 17.37 -6.70
C THR A 4 23.61 16.30 -7.05
N SER A 5 22.43 16.59 -7.64
CA SER A 5 21.47 15.50 -8.00
C SER A 5 22.00 14.82 -9.26
N THR A 6 21.95 13.52 -9.33
CA THR A 6 22.42 12.67 -10.42
C THR A 6 21.44 11.50 -10.46
N VAL A 7 21.74 10.58 -11.32
CA VAL A 7 20.95 9.37 -11.52
C VAL A 7 21.74 8.14 -11.46
N GLY A 8 21.32 7.08 -10.74
CA GLY A 8 22.30 5.82 -10.80
C GLY A 8 21.60 4.64 -11.35
N VAL A 9 22.04 3.42 -11.50
CA VAL A 9 21.34 2.26 -12.02
C VAL A 9 21.38 1.08 -11.03
N GLY A 10 20.50 0.22 -10.81
CA GLY A 10 20.78 -0.86 -9.80
C GLY A 10 19.88 -2.04 -10.23
N ARG A 11 19.91 -3.06 -9.58
CA ARG A 11 19.09 -4.24 -9.91
C ARG A 11 18.12 -4.43 -8.76
N GLY A 12 16.92 -4.69 -8.89
CA GLY A 12 15.97 -4.83 -7.87
C GLY A 12 15.97 -6.21 -7.26
N VAL A 13 15.10 -6.54 -6.39
CA VAL A 13 14.99 -7.84 -5.73
C VAL A 13 14.67 -8.96 -6.71
N LEU A 14 13.95 -8.72 -7.71
CA LEU A 14 13.49 -9.60 -8.80
C LEU A 14 14.56 -9.66 -9.92
N GLY A 15 15.68 -8.98 -9.89
CA GLY A 15 16.73 -9.00 -10.83
C GLY A 15 16.50 -8.02 -11.92
N ASP A 16 15.57 -7.10 -11.78
CA ASP A 16 15.25 -6.09 -12.78
C ASP A 16 16.10 -4.83 -12.57
N GLN A 17 16.47 -4.32 -13.69
CA GLN A 17 17.29 -3.12 -13.70
C GLN A 17 16.49 -1.85 -13.87
N LYS A 18 17.08 -0.83 -13.11
CA LYS A 18 16.53 0.46 -13.10
C LYS A 18 17.49 1.52 -12.58
N ASN A 19 17.06 2.71 -12.91
CA ASN A 19 17.60 4.01 -12.63
C ASN A 19 16.94 4.53 -11.39
N ILE A 20 17.66 5.20 -10.55
CA ILE A 20 17.09 5.70 -9.35
C ILE A 20 17.73 7.06 -9.16
N ASN A 21 17.10 8.03 -8.52
CA ASN A 21 17.64 9.33 -8.30
C ASN A 21 18.52 9.20 -7.03
N THR A 22 19.71 9.84 -7.19
CA THR A 22 20.68 9.81 -6.08
C THR A 22 21.28 11.16 -5.86
N THR A 23 22.16 11.36 -4.99
CA THR A 23 22.86 12.58 -4.63
C THR A 23 24.29 12.33 -4.36
N TYR A 24 25.00 13.18 -5.02
CA TYR A 24 26.48 13.15 -4.94
C TYR A 24 27.10 14.24 -4.05
N SER A 25 27.92 13.70 -3.09
CA SER A 25 28.68 14.43 -2.10
C SER A 25 29.70 13.40 -1.62
N THR A 26 30.76 13.22 -2.25
CA THR A 26 31.96 12.30 -2.08
C THR A 26 31.45 10.94 -2.34
N TYR A 27 30.32 10.57 -1.70
CA TYR A 27 29.73 9.22 -1.95
C TYR A 27 28.42 9.45 -2.78
N TYR A 28 27.80 8.49 -3.24
CA TYR A 28 26.56 8.65 -3.99
C TYR A 28 25.57 8.20 -2.94
N TYR A 29 24.60 8.97 -2.62
CA TYR A 29 23.60 8.69 -1.68
C TYR A 29 22.23 8.29 -2.19
N LEU A 30 21.56 7.43 -1.49
CA LEU A 30 20.15 7.05 -1.93
C LEU A 30 19.25 8.20 -1.38
N GLN A 31 19.27 9.44 -1.89
CA GLN A 31 18.59 10.65 -1.61
C GLN A 31 18.07 11.21 -2.94
N ASP A 32 16.77 11.28 -3.14
CA ASP A 32 16.09 11.75 -4.31
C ASP A 32 15.55 13.09 -3.96
N ASN A 33 16.08 14.04 -4.72
CA ASN A 33 15.71 15.45 -4.56
C ASN A 33 14.63 16.06 -5.40
N THR A 34 14.25 15.25 -6.29
CA THR A 34 13.16 15.58 -7.25
C THR A 34 11.78 15.32 -6.76
N ARG A 35 11.52 14.78 -5.61
CA ARG A 35 10.14 14.68 -5.20
C ARG A 35 9.95 15.33 -3.91
N GLY A 36 9.20 16.21 -3.91
CA GLY A 36 9.06 16.92 -2.70
C GLY A 36 10.27 17.33 -1.94
N ASP A 37 10.30 17.12 -0.66
CA ASP A 37 11.44 17.43 0.20
C ASP A 37 12.47 16.26 0.23
N GLY A 38 12.35 15.30 -0.58
CA GLY A 38 12.99 14.13 -0.97
C GLY A 38 12.72 12.80 -0.49
N ILE A 39 13.30 11.80 -1.04
CA ILE A 39 13.11 10.40 -0.59
C ILE A 39 14.50 9.94 -0.19
N PHE A 40 14.70 9.49 0.94
CA PHE A 40 15.81 8.97 1.69
C PHE A 40 15.70 7.44 2.05
N THR A 41 16.68 6.66 1.75
CA THR A 41 16.77 5.28 1.99
C THR A 41 17.97 4.97 2.86
N TYR A 42 17.62 4.25 3.92
CA TYR A 42 18.66 3.88 4.88
C TYR A 42 18.94 2.39 4.99
N ASP A 43 20.14 2.08 5.48
CA ASP A 43 20.70 0.83 5.77
C ASP A 43 20.60 0.65 7.38
N ALA A 44 19.69 -0.30 7.72
CA ALA A 44 19.46 -0.64 9.13
C ALA A 44 20.51 -1.70 9.54
N LYS A 45 21.34 -2.32 8.70
CA LYS A 45 22.40 -3.26 8.75
C LYS A 45 22.06 -4.47 9.65
N TYR A 46 20.86 -4.96 9.48
CA TYR A 46 20.43 -6.09 10.26
C TYR A 46 20.21 -5.81 11.73
N ARG A 47 20.00 -4.56 12.19
CA ARG A 47 19.78 -4.23 13.59
C ARG A 47 18.26 -3.76 13.60
N THR A 48 17.78 -3.40 14.65
CA THR A 48 16.47 -2.96 14.97
C THR A 48 16.44 -1.51 15.28
N THR A 49 17.54 -0.87 15.25
CA THR A 49 17.84 0.56 15.51
C THR A 49 17.54 1.34 14.27
N LEU A 50 16.59 2.28 14.36
CA LEU A 50 16.19 3.04 13.24
C LEU A 50 16.57 4.51 13.24
N PRO A 51 16.74 5.21 12.12
CA PRO A 51 16.61 4.73 10.70
C PRO A 51 17.76 3.89 10.27
N GLY A 52 18.89 4.15 10.97
CA GLY A 52 20.17 3.45 10.64
C GLY A 52 21.10 4.41 9.82
N SER A 53 21.80 4.08 8.72
CA SER A 53 22.63 5.03 8.03
C SER A 53 22.15 5.50 6.74
N LEU A 54 22.16 6.73 6.20
CA LEU A 54 21.66 7.06 4.88
C LEU A 54 22.56 6.15 3.95
N TRP A 55 21.87 5.50 2.94
CA TRP A 55 22.69 4.61 2.06
C TRP A 55 23.73 5.29 1.22
N ALA A 56 25.03 4.93 1.30
CA ALA A 56 26.18 5.41 0.61
C ALA A 56 26.82 4.36 -0.24
N ASP A 57 27.07 4.78 -1.52
CA ASP A 57 27.65 3.92 -2.48
C ASP A 57 28.78 4.65 -3.13
N ALA A 58 29.88 4.00 -3.48
CA ALA A 58 30.91 4.76 -4.10
C ALA A 58 30.87 5.02 -5.59
N ASP A 59 30.23 4.41 -6.46
CA ASP A 59 30.17 4.55 -7.92
C ASP A 59 28.83 4.74 -8.48
N ASN A 60 27.73 4.80 -7.70
CA ASN A 60 26.41 5.03 -8.33
C ASN A 60 25.85 3.81 -9.00
N GLN A 61 26.35 2.67 -8.79
CA GLN A 61 25.97 1.38 -9.31
C GLN A 61 25.72 0.53 -7.99
N PHE A 62 24.45 0.10 -7.98
CA PHE A 62 23.73 -0.71 -7.01
C PHE A 62 23.34 -2.09 -7.57
N PHE A 63 24.43 -2.85 -7.99
CA PHE A 63 24.18 -4.17 -8.50
C PHE A 63 24.55 -5.23 -7.49
N ALA A 64 24.93 -4.97 -6.28
CA ALA A 64 25.28 -6.04 -5.34
C ALA A 64 24.02 -6.61 -4.81
N SER A 65 24.04 -7.79 -4.35
CA SER A 65 22.75 -8.39 -3.83
C SER A 65 22.31 -7.66 -2.60
N TYR A 66 23.28 -7.25 -1.77
CA TYR A 66 22.94 -6.48 -0.54
C TYR A 66 22.11 -5.17 -0.80
N ASP A 67 22.23 -4.51 -1.93
CA ASP A 67 21.73 -3.32 -2.64
C ASP A 67 20.34 -3.45 -3.17
N ALA A 68 19.90 -4.63 -3.55
CA ALA A 68 18.62 -5.01 -4.13
C ALA A 68 17.48 -4.42 -3.42
N PRO A 69 17.30 -4.63 -2.09
CA PRO A 69 16.14 -4.04 -1.34
C PRO A 69 16.12 -2.54 -1.24
N ALA A 70 17.37 -1.87 -1.21
CA ALA A 70 17.41 -0.46 -1.09
C ALA A 70 16.95 0.18 -2.37
N VAL A 71 17.33 -0.47 -3.49
CA VAL A 71 16.99 -0.05 -4.82
C VAL A 71 15.48 0.08 -4.99
N ASP A 72 14.69 -0.97 -4.76
CA ASP A 72 13.30 -1.15 -4.83
C ASP A 72 12.63 -0.31 -3.81
N ALA A 73 13.11 -0.28 -2.60
CA ALA A 73 12.41 0.55 -1.54
C ALA A 73 12.32 2.03 -1.98
N HIS A 74 13.54 2.44 -2.45
CA HIS A 74 13.81 3.77 -2.92
C HIS A 74 13.00 4.12 -4.13
N TYR A 75 13.04 3.30 -5.16
CA TYR A 75 12.29 3.55 -6.41
C TYR A 75 10.80 3.48 -6.38
N TYR A 76 10.28 2.48 -5.71
CA TYR A 76 8.88 2.14 -5.54
C TYR A 76 8.28 3.25 -4.67
N ALA A 77 8.96 3.90 -3.80
CA ALA A 77 8.50 5.03 -2.95
C ALA A 77 8.25 6.23 -3.86
N GLY A 78 9.11 6.34 -4.82
CA GLY A 78 9.20 7.31 -5.89
C GLY A 78 7.88 7.06 -6.76
N VAL A 79 7.56 5.91 -7.44
CA VAL A 79 6.34 5.90 -8.14
C VAL A 79 5.06 6.08 -7.26
N THR A 80 5.04 5.69 -6.05
CA THR A 80 3.89 5.83 -5.12
C THR A 80 3.62 7.29 -4.89
N TYR A 81 4.69 8.12 -4.69
CA TYR A 81 4.61 9.55 -4.44
C TYR A 81 4.05 10.14 -5.77
N ASP A 82 4.51 9.56 -6.89
CA ASP A 82 4.04 10.05 -8.12
C ASP A 82 2.61 9.79 -8.35
N TYR A 83 2.13 8.63 -8.02
CA TYR A 83 0.74 8.26 -8.18
C TYR A 83 -0.12 9.18 -7.35
N TYR A 84 0.27 9.49 -6.10
CA TYR A 84 -0.49 10.32 -5.26
C TYR A 84 -0.68 11.72 -5.71
N LYS A 85 0.44 12.22 -6.23
CA LYS A 85 0.50 13.52 -6.70
C LYS A 85 -0.12 13.65 -8.02
N ASN A 86 0.11 12.64 -8.93
CA ASN A 86 -0.53 12.85 -10.23
C ASN A 86 -1.98 12.52 -10.30
N VAL A 87 -2.50 11.53 -9.67
CA VAL A 87 -3.83 11.07 -9.60
C VAL A 87 -4.57 11.79 -8.46
N HIS A 88 -4.11 11.96 -7.17
CA HIS A 88 -5.08 12.66 -6.30
C HIS A 88 -4.74 14.00 -5.97
N ASN A 89 -3.67 14.44 -6.59
CA ASN A 89 -3.12 15.80 -6.36
C ASN A 89 -2.58 15.87 -4.95
N ARG A 90 -1.93 14.79 -4.39
CA ARG A 90 -1.52 15.07 -2.98
C ARG A 90 -0.04 15.13 -3.05
N LEU A 91 0.57 15.95 -2.32
CA LEU A 91 2.04 16.10 -2.24
C LEU A 91 2.59 15.30 -1.03
N SER A 92 3.21 14.14 -1.31
CA SER A 92 3.74 13.38 -0.15
C SER A 92 2.68 12.81 0.80
N TYR A 93 2.98 12.04 1.88
CA TYR A 93 1.72 11.62 2.62
C TYR A 93 1.01 12.54 3.50
N ASP A 94 1.77 13.65 3.77
CA ASP A 94 1.16 14.69 4.64
C ASP A 94 0.47 15.80 3.83
N GLY A 95 0.60 15.84 2.55
CA GLY A 95 -0.02 16.83 1.79
C GLY A 95 0.88 18.05 1.70
N ASN A 96 2.04 17.96 2.26
CA ASN A 96 2.96 19.06 2.22
C ASN A 96 4.39 18.77 1.76
N ASN A 97 4.53 17.64 1.03
CA ASN A 97 5.92 17.34 0.57
C ASN A 97 6.86 16.89 1.60
N ALA A 98 6.40 16.31 2.68
CA ALA A 98 7.39 15.82 3.73
C ALA A 98 8.29 14.83 3.15
N ALA A 99 9.45 14.71 3.63
CA ALA A 99 10.45 13.72 3.18
C ALA A 99 9.98 12.28 3.39
N ILE A 100 10.22 11.36 2.54
CA ILE A 100 9.81 9.92 2.70
C ILE A 100 11.05 9.22 3.17
N ARG A 101 11.10 8.44 4.26
CA ARG A 101 12.33 7.82 4.74
C ARG A 101 11.87 6.40 4.82
N SER A 102 12.67 5.42 4.48
CA SER A 102 12.66 4.02 4.39
C SER A 102 13.93 3.34 4.95
N SER A 103 13.81 2.25 5.64
CA SER A 103 15.03 1.60 6.14
C SER A 103 14.90 0.15 5.64
N VAL A 104 15.97 -0.43 5.10
CA VAL A 104 16.00 -1.78 4.59
C VAL A 104 16.95 -2.67 5.43
N HIS A 105 16.90 -4.00 5.38
CA HIS A 105 17.73 -4.90 6.06
C HIS A 105 17.58 -4.73 7.62
N TYR A 106 16.33 -4.69 7.92
CA TYR A 106 16.03 -4.50 9.33
C TYR A 106 15.92 -5.86 9.99
N SER A 107 16.58 -6.12 11.05
CA SER A 107 16.68 -7.30 11.85
C SER A 107 17.27 -8.39 10.87
N GLN A 108 17.17 -9.57 11.40
CA GLN A 108 17.61 -10.81 10.78
C GLN A 108 16.31 -11.74 10.60
N GLY A 109 16.14 -11.95 9.30
CA GLY A 109 15.11 -12.77 8.66
C GLY A 109 13.74 -12.31 9.13
N TYR A 110 13.56 -10.97 9.01
CA TYR A 110 12.28 -10.36 9.44
C TYR A 110 11.30 -10.46 8.33
N ASN A 111 10.18 -11.18 8.61
CA ASN A 111 9.18 -11.35 7.66
C ASN A 111 8.10 -10.34 7.69
N ASN A 112 8.37 -9.15 7.35
CA ASN A 112 7.37 -8.08 7.33
C ASN A 112 8.05 -6.74 7.02
N ALA A 113 7.08 -5.82 6.87
CA ALA A 113 7.34 -4.45 6.56
C ALA A 113 6.25 -3.75 7.27
N PHE A 114 6.22 -2.53 7.68
CA PHE A 114 5.49 -1.56 8.36
C PHE A 114 5.95 -0.11 8.23
N TRP A 115 4.98 0.72 8.64
CA TRP A 115 4.92 2.21 8.75
C TRP A 115 4.99 2.33 10.22
N ASN A 116 5.88 2.93 10.96
CA ASN A 116 5.97 3.04 12.39
C ASN A 116 5.48 4.44 12.83
N GLY A 117 4.81 5.31 12.06
CA GLY A 117 4.34 6.62 12.54
C GLY A 117 5.29 7.66 11.96
N SER A 118 6.52 7.17 11.52
CA SER A 118 7.34 8.28 10.96
C SER A 118 8.25 7.76 9.85
N GLU A 119 8.27 6.53 9.53
CA GLU A 119 9.13 5.98 8.50
C GLU A 119 8.60 4.56 8.20
N MET A 120 8.99 4.00 7.13
CA MET A 120 8.73 2.73 6.60
C MET A 120 9.91 1.83 6.94
N VAL A 121 9.76 0.60 7.34
CA VAL A 121 10.74 -0.43 7.70
C VAL A 121 10.58 -1.71 6.91
N TYR A 122 11.65 -2.22 6.39
CA TYR A 122 11.52 -3.48 5.59
C TYR A 122 12.48 -4.58 5.99
N GLY A 123 11.83 -5.73 6.25
CA GLY A 123 12.71 -6.84 6.64
C GLY A 123 13.10 -7.47 5.21
N ASP A 124 14.02 -8.45 5.35
CA ASP A 124 14.56 -9.23 4.28
C ASP A 124 13.89 -10.59 4.13
N GLY A 125 13.05 -11.05 5.06
CA GLY A 125 12.35 -12.38 4.99
C GLY A 125 13.33 -13.42 5.45
N ASP A 126 12.84 -14.61 5.67
CA ASP A 126 13.61 -15.77 6.10
C ASP A 126 14.14 -16.43 4.80
N GLY A 127 13.71 -16.07 3.68
CA GLY A 127 14.07 -16.52 2.33
C GLY A 127 13.23 -17.68 1.88
N GLN A 128 12.15 -17.82 2.72
CA GLN A 128 11.23 -18.95 2.33
C GLN A 128 9.80 -18.52 2.47
N THR A 129 9.49 -17.84 3.50
CA THR A 129 8.12 -17.40 3.58
C THR A 129 8.11 -16.14 2.74
N PHE A 130 9.11 -15.21 2.85
CA PHE A 130 9.20 -13.98 2.10
C PHE A 130 10.64 -13.78 1.68
N ILE A 131 10.81 -12.97 0.68
CA ILE A 131 12.03 -12.53 0.12
C ILE A 131 12.03 -11.02 0.59
N PRO A 132 13.06 -10.21 0.42
CA PRO A 132 13.03 -8.85 0.87
C PRO A 132 11.77 -8.17 0.49
N LEU A 133 11.00 -7.71 1.50
CA LEU A 133 9.75 -7.05 1.22
C LEU A 133 9.68 -5.87 0.39
N SER A 134 10.56 -4.99 0.06
CA SER A 134 10.53 -3.81 -0.77
C SER A 134 10.41 -4.11 -2.25
N GLY A 135 10.43 -5.36 -2.54
CA GLY A 135 10.33 -5.95 -3.90
C GLY A 135 9.01 -6.08 -4.57
N GLY A 136 7.96 -5.87 -3.74
CA GLY A 136 6.62 -5.91 -4.07
C GLY A 136 6.17 -4.46 -4.19
N ILE A 137 5.74 -3.96 -5.30
CA ILE A 137 5.35 -2.59 -5.21
C ILE A 137 4.02 -2.43 -4.39
N ASP A 138 3.06 -3.35 -4.40
CA ASP A 138 1.83 -3.25 -3.69
C ASP A 138 2.15 -3.16 -2.19
N VAL A 139 3.25 -3.77 -1.65
CA VAL A 139 3.74 -3.84 -0.18
C VAL A 139 4.16 -2.42 0.10
N VAL A 140 5.10 -1.91 -0.79
CA VAL A 140 5.63 -0.54 -0.69
C VAL A 140 4.49 0.50 -0.70
N ALA A 141 3.46 0.55 -1.50
CA ALA A 141 2.37 1.53 -1.55
C ALA A 141 1.36 1.28 -0.44
N HIS A 142 1.26 0.02 0.08
CA HIS A 142 0.37 -0.34 1.15
C HIS A 142 0.80 0.44 2.44
N GLU A 143 2.13 0.47 2.66
CA GLU A 143 2.93 1.03 3.71
C GLU A 143 2.93 2.52 3.69
N LEU A 144 3.07 3.15 2.55
CA LEU A 144 3.08 4.59 2.34
C LEU A 144 1.68 5.06 2.60
N THR A 145 0.77 4.24 2.01
CA THR A 145 -0.72 4.60 2.23
C THR A 145 -1.01 4.63 3.75
N HIS A 146 -0.40 3.89 4.64
CA HIS A 146 -0.61 3.88 6.07
C HIS A 146 -0.25 5.33 6.56
N ALA A 147 0.72 5.99 6.00
CA ALA A 147 1.21 7.37 6.31
C ALA A 147 0.08 8.32 5.99
N VAL A 148 -0.36 8.04 4.71
CA VAL A 148 -1.43 8.81 4.18
C VAL A 148 -2.59 8.65 5.16
N THR A 149 -3.14 7.54 5.54
CA THR A 149 -4.27 7.41 6.52
C THR A 149 -4.12 8.17 7.89
N ASP A 150 -2.89 8.04 8.47
CA ASP A 150 -2.40 8.57 9.66
C ASP A 150 -2.54 10.13 9.62
N TYR A 151 -2.21 10.70 8.50
CA TYR A 151 -2.31 12.11 8.35
C TYR A 151 -3.70 12.49 7.90
N THR A 152 -4.58 11.67 7.49
CA THR A 152 -5.99 12.06 7.05
C THR A 152 -7.00 11.50 8.02
N ALA A 153 -7.69 10.36 7.75
CA ALA A 153 -8.71 9.80 8.71
C ALA A 153 -8.08 9.46 10.03
N GLY A 154 -6.87 8.88 10.08
CA GLY A 154 -6.30 8.57 11.37
C GLY A 154 -6.97 7.44 11.99
N LEU A 155 -7.51 6.48 11.36
CA LEU A 155 -8.22 5.30 11.79
C LEU A 155 -7.50 4.60 12.84
N ILE A 156 -7.92 4.41 14.06
CA ILE A 156 -7.16 3.69 15.14
C ILE A 156 -6.88 2.24 14.61
N TYR A 157 -5.74 1.69 15.00
CA TYR A 157 -5.37 0.37 14.55
C TYR A 157 -6.06 -0.75 15.20
N GLN A 158 -7.29 -0.80 15.43
CA GLN A 158 -7.84 -2.01 16.06
C GLN A 158 -9.36 -2.07 15.74
N ASN A 159 -9.80 -3.35 15.77
CA ASN A 159 -11.24 -3.66 15.51
C ASN A 159 -11.66 -3.26 14.12
N GLU A 160 -12.79 -2.77 13.86
CA GLU A 160 -13.26 -2.36 12.55
C GLU A 160 -12.61 -1.11 11.99
N SER A 161 -12.22 -0.14 12.77
CA SER A 161 -11.63 1.02 12.17
C SER A 161 -10.29 0.56 11.74
N GLY A 162 -9.61 -0.41 12.36
CA GLY A 162 -8.31 -0.85 11.94
C GLY A 162 -8.37 -1.78 10.75
N ALA A 163 -9.47 -2.48 10.50
CA ALA A 163 -9.58 -3.38 9.36
C ALA A 163 -9.78 -2.44 8.21
N ILE A 164 -10.44 -1.44 8.23
CA ILE A 164 -10.72 -0.36 7.22
C ILE A 164 -9.38 0.19 6.99
N ASN A 165 -8.62 0.46 8.02
CA ASN A 165 -7.24 1.00 7.73
C ASN A 165 -6.36 0.17 6.83
N GLU A 166 -6.35 -1.12 7.15
CA GLU A 166 -5.53 -2.15 6.39
C GLU A 166 -6.14 -2.29 4.99
N ALA A 167 -7.45 -2.32 4.76
CA ALA A 167 -8.10 -2.44 3.43
C ALA A 167 -7.77 -1.22 2.60
N ILE A 168 -7.62 -0.03 3.16
CA ILE A 168 -7.26 1.22 2.38
C ILE A 168 -5.92 1.03 1.85
N SER A 169 -5.01 0.66 2.73
CA SER A 169 -3.68 0.44 2.22
C SER A 169 -3.59 -0.61 1.17
N ASP A 170 -4.31 -1.68 1.16
CA ASP A 170 -4.34 -2.79 0.26
C ASP A 170 -5.10 -2.20 -0.95
N ILE A 171 -6.15 -1.43 -0.80
CA ILE A 171 -6.79 -0.90 -2.03
C ILE A 171 -5.80 0.01 -2.74
N PHE A 172 -5.14 1.01 -2.10
CA PHE A 172 -4.22 1.87 -2.87
C PHE A 172 -2.96 1.20 -3.20
N GLY A 173 -2.56 0.12 -2.55
CA GLY A 173 -1.29 -0.55 -2.92
C GLY A 173 -1.56 -1.18 -4.15
N THR A 174 -2.79 -1.71 -4.38
CA THR A 174 -3.23 -2.36 -5.62
C THR A 174 -3.44 -1.31 -6.71
N LEU A 175 -3.94 -0.11 -6.58
CA LEU A 175 -4.16 0.93 -7.52
C LEU A 175 -2.75 1.41 -8.06
N VAL A 176 -1.77 1.48 -7.14
CA VAL A 176 -0.38 1.89 -7.40
C VAL A 176 0.15 0.82 -8.26
N GLU A 177 -0.07 -0.49 -7.94
CA GLU A 177 0.46 -1.55 -8.81
C GLU A 177 -0.10 -1.51 -10.21
N PHE A 178 -1.37 -1.17 -10.46
CA PHE A 178 -1.98 -1.07 -11.71
C PHE A 178 -1.40 0.18 -12.35
N TYR A 179 -1.24 1.30 -11.61
CA TYR A 179 -0.75 2.58 -11.99
C TYR A 179 0.61 2.39 -12.66
N ALA A 180 1.38 1.54 -12.07
CA ALA A 180 2.75 1.32 -12.73
C ALA A 180 2.71 0.28 -13.82
N ASN A 181 1.70 -0.55 -13.97
CA ASN A 181 1.60 -1.56 -15.02
C ASN A 181 2.67 -2.63 -14.81
N LYS A 182 2.75 -2.81 -13.51
CA LYS A 182 3.80 -3.82 -13.01
C LYS A 182 3.08 -5.17 -12.84
N ASN A 183 2.55 -5.67 -13.97
CA ASN A 183 1.80 -7.04 -13.83
C ASN A 183 0.72 -6.89 -12.75
N PRO A 184 -0.35 -6.12 -12.91
CA PRO A 184 -1.27 -5.97 -11.85
C PRO A 184 -2.26 -7.02 -11.69
N ASP A 185 -2.79 -7.13 -10.44
CA ASP A 185 -3.77 -8.06 -10.05
C ASP A 185 -4.45 -7.48 -8.86
N TRP A 186 -5.32 -8.34 -8.21
CA TRP A 186 -6.12 -8.00 -7.07
C TRP A 186 -5.75 -8.81 -5.92
N GLU A 187 -4.46 -8.99 -5.96
CA GLU A 187 -3.68 -9.78 -4.93
C GLU A 187 -2.64 -9.04 -4.15
N ILE A 188 -2.36 -9.43 -2.93
CA ILE A 188 -1.37 -8.79 -2.11
C ILE A 188 -0.10 -9.63 -1.74
N GLY A 189 1.08 -9.02 -2.13
CA GLY A 189 2.38 -9.57 -1.88
C GLY A 189 2.92 -10.77 -2.64
N GLU A 190 2.18 -11.11 -3.67
CA GLU A 190 2.44 -12.16 -4.52
C GLU A 190 3.91 -12.28 -5.06
N ASP A 191 4.57 -11.23 -5.31
CA ASP A 191 5.88 -11.02 -5.80
C ASP A 191 6.94 -11.27 -4.81
N VAL A 192 6.79 -11.09 -3.52
CA VAL A 192 7.74 -11.29 -2.43
C VAL A 192 7.29 -12.52 -1.60
N TYR A 193 6.13 -13.07 -1.70
CA TYR A 193 5.74 -14.18 -0.94
C TYR A 193 6.09 -15.56 -1.42
N THR A 194 6.48 -16.46 -0.53
CA THR A 194 6.86 -17.87 -0.77
C THR A 194 7.45 -18.13 -2.17
N PRO A 195 8.76 -17.85 -2.13
CA PRO A 195 9.54 -17.98 -3.31
C PRO A 195 9.47 -19.34 -3.99
N GLY A 196 9.11 -20.36 -3.17
CA GLY A 196 9.00 -21.69 -3.72
C GLY A 196 7.62 -22.06 -4.32
N ILE A 197 6.49 -21.47 -3.92
CA ILE A 197 5.16 -21.75 -4.38
C ILE A 197 4.86 -20.75 -5.46
N SER A 198 4.01 -21.25 -6.34
CA SER A 198 3.72 -20.26 -7.47
C SER A 198 2.25 -20.08 -7.47
N GLY A 199 1.91 -18.84 -7.90
CA GLY A 199 0.53 -18.52 -7.90
C GLY A 199 -0.09 -18.24 -6.63
N ASP A 200 0.60 -18.23 -5.51
CA ASP A 200 -0.09 -17.92 -4.22
C ASP A 200 0.11 -16.46 -3.80
N SER A 201 -0.46 -16.05 -2.63
CA SER A 201 -0.19 -14.63 -2.30
C SER A 201 -0.58 -14.43 -0.84
N LEU A 202 -0.25 -13.28 -0.27
CA LEU A 202 -0.56 -13.04 1.13
C LEU A 202 -2.07 -13.05 1.41
N ARG A 203 -2.82 -12.24 0.67
CA ARG A 203 -4.18 -12.07 0.62
C ARG A 203 -4.69 -11.84 -0.80
N SER A 204 -6.02 -12.16 -0.94
CA SER A 204 -6.61 -12.03 -2.22
C SER A 204 -7.68 -10.92 -2.23
N MET A 205 -7.97 -9.96 -3.09
CA MET A 205 -9.07 -8.99 -2.95
C MET A 205 -10.24 -9.55 -3.73
N SER A 206 -9.94 -10.22 -4.82
CA SER A 206 -10.92 -10.83 -5.71
C SER A 206 -11.71 -11.96 -5.06
N ASP A 207 -11.15 -12.72 -4.20
CA ASP A 207 -11.57 -13.82 -3.42
C ASP A 207 -10.85 -13.92 -2.07
N PRO A 208 -11.18 -13.07 -1.08
CA PRO A 208 -10.50 -13.17 0.12
C PRO A 208 -10.60 -14.55 0.62
N ALA A 209 -11.60 -15.37 0.44
CA ALA A 209 -11.68 -16.75 1.04
C ALA A 209 -10.69 -17.77 0.71
N LYS A 210 -9.96 -17.60 -0.32
CA LYS A 210 -8.89 -18.45 -0.92
C LYS A 210 -7.96 -18.93 0.13
N TYR A 211 -7.61 -17.99 1.00
CA TYR A 211 -6.75 -18.05 2.11
C TYR A 211 -7.46 -17.95 3.44
N GLY A 212 -8.78 -18.08 3.43
CA GLY A 212 -9.58 -18.01 4.60
C GLY A 212 -10.04 -16.73 5.15
N ASP A 213 -10.05 -15.67 4.55
CA ASP A 213 -10.50 -14.37 5.03
C ASP A 213 -12.01 -14.21 4.79
N PRO A 214 -12.68 -13.63 5.77
CA PRO A 214 -14.17 -13.49 5.53
C PRO A 214 -14.37 -12.68 4.25
N ASP A 215 -15.40 -12.92 3.53
CA ASP A 215 -15.72 -12.16 2.27
C ASP A 215 -17.12 -11.67 2.50
N HIS A 216 -17.61 -11.78 3.68
CA HIS A 216 -18.92 -11.37 4.13
C HIS A 216 -19.05 -10.86 5.60
N TYR A 217 -19.93 -9.82 5.83
CA TYR A 217 -19.99 -9.37 7.25
C TYR A 217 -20.34 -10.40 8.26
N SER A 218 -21.13 -11.38 7.81
CA SER A 218 -21.53 -12.43 8.72
C SER A 218 -20.51 -13.42 9.13
N LYS A 219 -19.37 -13.41 8.58
CA LYS A 219 -18.12 -14.11 8.66
C LYS A 219 -17.07 -13.35 9.44
N ARG A 220 -17.43 -12.08 9.71
CA ARG A 220 -16.56 -11.22 10.44
C ARG A 220 -15.87 -11.90 11.59
N TYR A 221 -14.64 -11.75 12.03
CA TYR A 221 -13.95 -12.36 13.14
C TYR A 221 -14.10 -11.37 14.33
N THR A 222 -14.53 -11.98 15.40
CA THR A 222 -14.79 -11.31 16.63
C THR A 222 -13.86 -11.50 17.78
N GLY A 223 -12.85 -12.34 17.72
CA GLY A 223 -11.96 -12.47 18.86
C GLY A 223 -11.09 -11.13 18.89
N THR A 224 -9.95 -11.45 19.40
CA THR A 224 -8.70 -10.89 19.77
C THR A 224 -7.41 -11.01 19.04
N GLN A 225 -7.14 -12.09 18.30
CA GLN A 225 -5.74 -11.86 17.77
C GLN A 225 -5.85 -10.81 16.72
N ASP A 226 -4.61 -10.38 16.32
CA ASP A 226 -4.40 -9.36 15.26
C ASP A 226 -5.18 -8.09 15.43
N ASN A 227 -5.17 -7.63 16.58
CA ASN A 227 -5.80 -6.47 17.04
C ASN A 227 -7.31 -6.45 16.72
N GLY A 228 -7.86 -7.66 16.95
CA GLY A 228 -9.34 -7.79 16.70
C GLY A 228 -9.54 -8.00 15.20
N GLY A 229 -8.53 -8.71 14.68
CA GLY A 229 -8.55 -9.03 13.30
C GLY A 229 -8.51 -8.10 12.17
N VAL A 230 -7.67 -7.10 12.25
CA VAL A 230 -7.39 -6.00 11.32
C VAL A 230 -6.95 -6.46 9.96
N HIS A 231 -6.22 -7.54 9.95
CA HIS A 231 -5.78 -8.11 8.70
C HIS A 231 -6.70 -9.23 8.22
N ILE A 232 -7.73 -9.62 8.92
CA ILE A 232 -8.70 -10.63 8.61
C ILE A 232 -9.97 -10.02 8.06
N ASN A 233 -10.65 -9.19 8.82
CA ASN A 233 -11.87 -8.50 8.43
C ASN A 233 -11.62 -7.51 7.32
N SER A 234 -10.36 -7.21 7.05
CA SER A 234 -10.06 -6.27 5.93
C SER A 234 -10.55 -6.92 4.72
N GLY A 235 -10.64 -8.26 4.57
CA GLY A 235 -11.18 -8.92 3.34
C GLY A 235 -12.53 -8.57 2.90
N ILE A 236 -13.45 -8.20 3.83
CA ILE A 236 -14.86 -7.79 3.64
C ILE A 236 -14.91 -6.55 2.80
N ILE A 237 -14.09 -5.46 3.06
CA ILE A 237 -13.86 -4.16 2.45
C ILE A 237 -13.08 -4.44 1.18
N ASN A 238 -12.14 -5.29 1.11
CA ASN A 238 -11.34 -5.59 -0.15
C ASN A 238 -12.29 -6.16 -1.21
N LYS A 239 -13.21 -7.06 -0.89
CA LYS A 239 -14.25 -7.78 -1.69
C LYS A 239 -15.14 -6.70 -2.18
N ALA A 240 -15.68 -5.81 -1.33
CA ALA A 240 -16.52 -4.69 -1.70
C ALA A 240 -15.82 -3.78 -2.66
N ALA A 241 -14.59 -3.42 -2.44
CA ALA A 241 -13.80 -2.56 -3.26
C ALA A 241 -13.61 -3.17 -4.59
N TYR A 242 -13.39 -4.54 -4.59
CA TYR A 242 -13.20 -5.41 -5.78
C TYR A 242 -14.51 -5.45 -6.61
N LEU A 243 -15.70 -5.58 -6.22
CA LEU A 243 -16.94 -5.63 -6.85
C LEU A 243 -17.27 -4.32 -7.47
N ILE A 244 -17.06 -3.16 -6.79
CA ILE A 244 -17.35 -1.83 -7.36
C ILE A 244 -16.65 -1.48 -8.63
N SER A 245 -15.38 -1.93 -8.69
CA SER A 245 -14.43 -1.75 -9.77
C SER A 245 -14.73 -2.69 -10.93
N GLN A 246 -14.70 -3.93 -10.80
CA GLN A 246 -14.91 -5.00 -11.70
C GLN A 246 -16.35 -5.49 -11.84
N GLY A 247 -17.20 -5.45 -10.85
CA GLY A 247 -18.60 -5.92 -10.96
C GLY A 247 -18.71 -7.39 -10.61
N GLY A 248 -19.90 -7.98 -10.54
CA GLY A 248 -19.95 -9.41 -10.23
C GLY A 248 -21.18 -9.63 -9.35
N THR A 249 -21.45 -10.93 -9.17
CA THR A 249 -22.55 -11.40 -8.36
C THR A 249 -21.99 -12.08 -7.16
N HIS A 250 -22.11 -11.45 -6.00
CA HIS A 250 -21.57 -12.09 -4.73
C HIS A 250 -22.75 -12.44 -3.91
N TYR A 251 -22.92 -13.65 -3.47
CA TYR A 251 -23.99 -14.11 -2.67
C TYR A 251 -25.36 -13.73 -3.27
N GLY A 252 -25.54 -13.87 -4.57
CA GLY A 252 -26.78 -13.53 -5.25
C GLY A 252 -27.01 -12.09 -5.48
N VAL A 253 -26.06 -11.23 -4.97
CA VAL A 253 -26.18 -9.75 -5.16
C VAL A 253 -25.31 -9.39 -6.34
N SER A 254 -25.91 -8.75 -7.35
CA SER A 254 -25.22 -8.34 -8.57
C SER A 254 -24.69 -6.88 -8.49
N VAL A 255 -23.47 -6.58 -8.88
CA VAL A 255 -22.82 -5.26 -8.89
C VAL A 255 -22.32 -4.96 -10.27
N VAL A 256 -22.70 -3.78 -10.76
CA VAL A 256 -22.13 -3.42 -12.21
C VAL A 256 -20.83 -2.78 -11.87
N GLY A 257 -19.74 -3.04 -12.42
CA GLY A 257 -18.57 -2.36 -11.99
C GLY A 257 -18.34 -1.02 -12.58
N ILE A 258 -17.85 -0.02 -11.91
CA ILE A 258 -17.61 1.32 -12.47
C ILE A 258 -16.06 1.46 -12.79
N GLY A 259 -15.13 0.42 -12.57
CA GLY A 259 -13.80 0.69 -12.90
C GLY A 259 -12.99 1.26 -11.83
N ARG A 260 -11.72 1.11 -11.95
CA ARG A 260 -10.79 1.57 -10.98
C ARG A 260 -10.39 2.92 -10.86
N ASP A 261 -10.50 3.80 -11.58
CA ASP A 261 -10.19 5.19 -11.65
C ASP A 261 -11.21 5.80 -10.69
N LYS A 262 -12.41 5.48 -10.89
CA LYS A 262 -13.52 5.91 -10.09
C LYS A 262 -13.46 5.21 -8.71
N LEU A 263 -13.07 3.96 -8.55
CA LEU A 263 -12.98 3.37 -7.24
C LEU A 263 -11.88 4.21 -6.52
N GLY A 264 -10.71 4.49 -6.97
CA GLY A 264 -9.64 5.27 -6.33
C GLY A 264 -10.07 6.57 -5.81
N LYS A 265 -10.83 7.16 -6.76
CA LYS A 265 -11.36 8.56 -6.38
C LYS A 265 -12.50 8.50 -5.44
N ILE A 266 -13.50 7.69 -5.44
CA ILE A 266 -14.58 7.75 -4.39
C ILE A 266 -13.86 7.36 -3.12
N PHE A 267 -12.89 6.38 -2.97
CA PHE A 267 -12.18 6.03 -1.76
C PHE A 267 -11.22 7.06 -1.11
N TYR A 268 -10.49 7.78 -1.88
CA TYR A 268 -9.52 8.87 -1.48
C TYR A 268 -10.28 9.99 -0.90
N ARG A 269 -11.53 10.25 -1.36
CA ARG A 269 -12.44 11.28 -0.89
C ARG A 269 -13.10 10.83 0.39
N ALA A 270 -13.50 9.62 0.52
CA ALA A 270 -14.12 9.12 1.67
C ALA A 270 -13.01 9.21 2.70
N LEU A 271 -11.79 8.68 2.30
CA LEU A 271 -10.72 8.71 3.22
C LEU A 271 -10.36 10.14 3.57
N THR A 272 -10.27 11.10 2.73
CA THR A 272 -9.87 12.40 3.21
C THR A 272 -10.85 13.39 3.68
N GLN A 273 -12.13 13.31 3.35
CA GLN A 273 -13.18 14.16 3.69
C GLN A 273 -14.15 13.53 4.75
N TYR A 274 -14.52 12.25 4.73
CA TYR A 274 -15.44 11.81 5.73
C TYR A 274 -15.01 10.81 6.74
N LEU A 275 -13.99 10.13 6.62
CA LEU A 275 -13.54 9.12 7.65
C LEU A 275 -12.92 9.84 8.84
N THR A 276 -13.13 9.30 10.01
CA THR A 276 -12.70 9.75 11.29
C THR A 276 -11.94 8.58 11.95
N PRO A 277 -11.30 8.89 13.02
CA PRO A 277 -10.47 7.82 13.72
C PRO A 277 -11.25 6.65 14.25
N THR A 278 -12.51 6.86 14.39
CA THR A 278 -13.26 5.80 14.92
C THR A 278 -14.28 5.20 14.05
N SER A 279 -14.33 5.46 12.85
CA SER A 279 -15.25 5.00 11.85
C SER A 279 -15.34 3.50 11.81
N ASN A 280 -16.45 2.93 11.55
CA ASN A 280 -16.70 1.48 11.49
C ASN A 280 -17.16 1.19 10.09
N PHE A 281 -17.45 -0.10 9.80
CA PHE A 281 -17.85 -0.46 8.41
C PHE A 281 -19.15 0.20 7.97
N SER A 282 -20.12 0.47 8.79
CA SER A 282 -21.40 1.10 8.41
C SER A 282 -21.04 2.51 8.16
N GLN A 283 -20.13 3.20 8.89
CA GLN A 283 -19.73 4.54 8.64
C GLN A 283 -18.94 4.57 7.27
N LEU A 284 -18.13 3.65 6.89
CA LEU A 284 -17.40 3.63 5.62
C LEU A 284 -18.38 3.57 4.49
N ARG A 285 -19.37 2.83 4.63
CA ARG A 285 -20.38 2.76 3.56
C ARG A 285 -21.07 4.06 3.27
N ALA A 286 -21.50 4.76 4.48
CA ALA A 286 -22.11 6.12 4.35
C ALA A 286 -21.24 7.14 3.68
N ALA A 287 -19.94 7.06 4.05
CA ALA A 287 -18.88 7.88 3.59
C ALA A 287 -18.67 7.53 2.15
N ALA A 288 -18.58 6.25 1.74
CA ALA A 288 -18.36 5.93 0.30
C ALA A 288 -19.47 6.37 -0.52
N VAL A 289 -20.71 6.20 -0.24
CA VAL A 289 -21.99 6.56 -0.89
C VAL A 289 -22.02 8.15 -0.93
N GLN A 290 -21.71 8.76 0.24
CA GLN A 290 -21.69 10.21 0.25
C GLN A 290 -20.65 10.71 -0.77
N SER A 291 -19.42 10.25 -0.98
CA SER A 291 -18.39 10.68 -1.91
C SER A 291 -18.72 10.46 -3.41
N ALA A 292 -19.35 9.29 -3.61
CA ALA A 292 -19.82 8.81 -4.89
C ALA A 292 -20.90 9.84 -5.32
N THR A 293 -21.80 10.17 -4.38
CA THR A 293 -22.88 11.11 -4.59
C THR A 293 -22.31 12.59 -4.87
N ASP A 294 -21.22 12.97 -4.23
CA ASP A 294 -20.58 14.23 -4.32
C ASP A 294 -19.99 14.49 -5.71
N LEU A 295 -19.38 13.56 -6.31
CA LEU A 295 -18.75 13.42 -7.50
C LEU A 295 -19.48 13.08 -8.73
N TYR A 296 -20.35 12.17 -8.75
CA TYR A 296 -21.18 11.60 -9.82
C TYR A 296 -22.67 11.94 -9.72
N GLY A 297 -23.36 12.29 -8.61
CA GLY A 297 -24.67 12.62 -8.32
C GLY A 297 -25.42 11.32 -7.79
N SER A 298 -26.27 11.60 -6.98
CA SER A 298 -27.30 11.01 -6.10
C SER A 298 -27.96 9.88 -6.83
N THR A 299 -28.22 10.17 -8.12
CA THR A 299 -28.82 9.24 -8.98
C THR A 299 -27.81 8.63 -9.94
N SER A 300 -26.56 8.62 -9.73
CA SER A 300 -25.68 8.01 -10.65
C SER A 300 -25.70 6.48 -10.39
N GLN A 301 -25.07 5.78 -11.32
CA GLN A 301 -24.74 4.41 -11.55
C GLN A 301 -23.60 4.15 -10.50
N GLU A 302 -22.64 5.08 -10.45
CA GLU A 302 -21.59 4.99 -9.49
C GLU A 302 -22.17 4.92 -8.04
N VAL A 303 -23.18 5.70 -7.75
CA VAL A 303 -23.82 5.74 -6.48
C VAL A 303 -24.50 4.37 -6.29
N ALA A 304 -25.16 3.81 -7.17
CA ALA A 304 -25.90 2.57 -7.20
C ALA A 304 -24.92 1.44 -7.02
N SER A 305 -23.85 1.27 -7.78
CA SER A 305 -22.84 0.17 -7.64
C SER A 305 -22.13 0.20 -6.25
N VAL A 306 -21.84 1.24 -5.50
CA VAL A 306 -21.23 1.28 -4.21
C VAL A 306 -22.30 0.70 -3.20
N LYS A 307 -23.56 1.00 -3.51
CA LYS A 307 -24.65 0.46 -2.59
C LYS A 307 -24.73 -1.04 -2.72
N GLN A 308 -24.82 -1.53 -3.91
CA GLN A 308 -24.88 -2.88 -4.34
C GLN A 308 -23.66 -3.73 -3.72
N ALA A 309 -22.48 -3.21 -3.88
CA ALA A 309 -21.29 -3.90 -3.38
C ALA A 309 -21.34 -4.00 -1.90
N PHE A 310 -21.64 -2.95 -1.15
CA PHE A 310 -21.75 -3.06 0.38
C PHE A 310 -22.92 -3.98 0.67
N ASP A 311 -23.94 -4.02 -0.10
CA ASP A 311 -25.03 -4.91 0.19
C ASP A 311 -24.56 -6.39 -0.05
N ALA A 312 -23.84 -6.66 -1.09
CA ALA A 312 -23.31 -8.00 -1.42
C ALA A 312 -22.44 -8.57 -0.29
N VAL A 313 -21.60 -7.91 0.45
CA VAL A 313 -20.65 -8.09 1.57
C VAL A 313 -21.32 -8.09 2.90
N GLY A 314 -22.62 -7.68 2.93
CA GLY A 314 -23.41 -7.64 4.07
C GLY A 314 -23.27 -6.56 5.07
N VAL A 315 -22.66 -5.43 4.60
CA VAL A 315 -22.38 -4.20 5.33
C VAL A 315 -23.61 -3.31 5.14
N LYS A 316 -24.34 -3.48 6.32
CA LYS A 316 -25.61 -2.75 6.42
C LYS A 316 -26.70 -3.45 5.54
CA CA B . -0.49 -7.49 -6.32
CA CA C . 1.36 -8.22 -9.47
CA CA D . 28.25 0.52 -5.94
CA CA E . 4.66 -17.57 -3.94
ZN ZN F . -0.94 -2.64 6.83
N LNO G . 1.31 -7.01 7.44
CA LNO G . 2.02 -5.69 7.66
C LNO G . 1.18 -4.41 7.54
O LNO G . -0.08 -4.30 7.55
CB LNO G . 2.80 -5.64 6.25
CG LNO G . 2.44 -6.87 5.43
CD1 LNO G . 0.89 -6.77 5.34
CD2 LNO G . 3.14 -7.07 4.10
N2 LNO G . 1.95 -3.37 7.39
ON2 LNO G . 1.08 -2.29 7.27
#